data_1DKD
#
_entry.id   1DKD
#
_cell.length_a   42.042
_cell.length_b   134.668
_cell.length_c   59.734
_cell.angle_alpha   90.00
_cell.angle_beta   94.38
_cell.angle_gamma   90.00
#
_symmetry.space_group_name_H-M   'P 1 21 1'
#
loop_
_entity.id
_entity.type
_entity.pdbx_description
1 polymer GROEL
2 polymer '12-MER PEPTIDE'
3 water water
#
loop_
_entity_poly.entity_id
_entity_poly.type
_entity_poly.pdbx_seq_one_letter_code
_entity_poly.pdbx_strand_id
1 'polypeptide(L)'
;EGMQFDRGYLSPYFINKPETGAVELESPFILLADKKISNIREMLPVLEAVAKAGKPLLIIAEDVEGEALATLVVNTMRGI
VKVAAVKAPGFGDRRKAMLQDIATLTGGTVISEEIGMELEKATLEDLGQAKRVVINKDTTTIIDGV
;
A,B,C,D
2 'polypeptide(L)' SWMTTPWGFLHP E,F,G,H
#
# COMPACT_ATOMS: atom_id res chain seq x y z
N GLU A 1 -22.52 -29.79 32.17
CA GLU A 1 -23.12 -28.44 32.32
C GLU A 1 -22.77 -27.55 31.14
N GLY A 2 -23.58 -26.53 30.90
CA GLY A 2 -23.34 -25.63 29.79
C GLY A 2 -23.22 -24.17 30.22
N MET A 3 -22.67 -23.35 29.34
CA MET A 3 -22.51 -21.94 29.63
C MET A 3 -22.68 -21.09 28.37
N GLN A 4 -22.95 -19.81 28.56
CA GLN A 4 -23.11 -18.90 27.45
C GLN A 4 -22.67 -17.48 27.81
N PHE A 5 -21.96 -16.83 26.89
CA PHE A 5 -21.52 -15.46 27.11
C PHE A 5 -21.60 -14.63 25.84
N ASP A 6 -21.63 -13.30 26.00
CA ASP A 6 -21.74 -12.39 24.86
C ASP A 6 -20.44 -12.10 24.11
N ARG A 7 -19.95 -13.11 23.40
CA ARG A 7 -18.76 -12.95 22.58
C ARG A 7 -19.03 -13.78 21.33
N GLY A 8 -19.01 -13.13 20.18
CA GLY A 8 -19.27 -13.80 18.92
C GLY A 8 -18.00 -14.20 18.19
N TYR A 9 -18.15 -14.83 17.04
CA TYR A 9 -17.00 -15.28 16.28
C TYR A 9 -16.08 -14.12 15.92
N LEU A 10 -14.78 -14.37 15.92
CA LEU A 10 -13.82 -13.33 15.57
C LEU A 10 -13.77 -13.14 14.06
N SER A 11 -14.41 -14.05 13.33
CA SER A 11 -14.46 -13.94 11.87
C SER A 11 -15.65 -14.70 11.30
N PRO A 12 -16.39 -14.08 10.37
CA PRO A 12 -17.55 -14.76 9.78
C PRO A 12 -17.10 -15.97 8.97
N TYR A 13 -15.80 -16.11 8.72
CA TYR A 13 -15.29 -17.23 7.96
C TYR A 13 -15.18 -18.52 8.76
N PHE A 14 -15.53 -18.46 10.04
CA PHE A 14 -15.52 -19.65 10.88
C PHE A 14 -16.89 -20.31 10.75
N ILE A 15 -17.86 -19.57 10.19
CA ILE A 15 -19.21 -20.06 10.00
C ILE A 15 -19.21 -21.33 9.15
N ASN A 16 -19.90 -22.37 9.61
CA ASN A 16 -19.97 -23.61 8.87
C ASN A 16 -21.43 -24.05 8.66
N LYS A 17 -22.36 -23.14 8.94
CA LYS A 17 -23.79 -23.36 8.76
C LYS A 17 -24.35 -22.10 8.09
N PRO A 18 -24.06 -21.93 6.79
CA PRO A 18 -24.49 -20.82 5.96
C PRO A 18 -25.92 -20.36 6.17
N GLU A 19 -26.87 -21.27 5.97
CA GLU A 19 -28.28 -20.96 6.14
C GLU A 19 -28.55 -20.09 7.37
N THR A 20 -28.09 -20.55 8.52
CA THR A 20 -28.30 -19.81 9.76
C THR A 20 -27.20 -18.81 10.11
N GLY A 21 -26.03 -18.95 9.50
CA GLY A 21 -24.93 -18.04 9.80
C GLY A 21 -24.28 -18.32 11.15
N ALA A 22 -24.25 -19.59 11.53
CA ALA A 22 -23.66 -19.96 12.80
C ALA A 22 -22.49 -20.91 12.66
N VAL A 23 -21.78 -21.10 13.77
CA VAL A 23 -20.66 -22.01 13.83
C VAL A 23 -21.07 -23.11 14.78
N GLU A 24 -20.94 -24.36 14.36
CA GLU A 24 -21.29 -25.48 15.23
C GLU A 24 -20.18 -26.52 15.19
N LEU A 25 -19.52 -26.72 16.33
CA LEU A 25 -18.45 -27.70 16.42
C LEU A 25 -18.97 -28.85 17.26
N GLU A 26 -18.69 -30.08 16.83
CA GLU A 26 -19.15 -31.26 17.54
C GLU A 26 -18.00 -31.93 18.28
N SER A 27 -18.20 -32.22 19.56
CA SER A 27 -17.16 -32.86 20.38
C SER A 27 -15.81 -32.19 20.16
N PRO A 28 -15.73 -30.86 20.37
CA PRO A 28 -14.45 -30.18 20.16
C PRO A 28 -13.55 -30.06 21.38
N PHE A 29 -12.31 -29.69 21.12
CA PHE A 29 -11.35 -29.43 22.18
C PHE A 29 -11.49 -27.92 22.39
N ILE A 30 -11.16 -27.45 23.59
CA ILE A 30 -11.26 -26.04 23.89
C ILE A 30 -9.96 -25.50 24.47
N LEU A 31 -9.37 -24.54 23.79
CA LEU A 31 -8.13 -23.92 24.24
C LEU A 31 -8.48 -22.61 24.94
N LEU A 32 -7.94 -22.44 26.15
CA LEU A 32 -8.17 -21.26 26.95
C LEU A 32 -6.85 -20.54 27.17
N ALA A 33 -6.70 -19.37 26.56
CA ALA A 33 -5.47 -18.61 26.67
C ALA A 33 -5.74 -17.21 27.22
N ASP A 34 -4.93 -16.77 28.18
CA ASP A 34 -5.10 -15.45 28.79
C ASP A 34 -4.26 -14.40 28.08
N LYS A 35 -3.88 -14.69 26.84
CA LYS A 35 -3.06 -13.75 26.08
C LYS A 35 -3.66 -13.48 24.71
N LYS A 36 -3.05 -12.54 24.01
CA LYS A 36 -3.45 -12.16 22.67
C LYS A 36 -2.60 -13.00 21.73
N ILE A 37 -3.23 -13.66 20.77
CA ILE A 37 -2.50 -14.48 19.81
C ILE A 37 -2.38 -13.77 18.47
N SER A 38 -1.15 -13.45 18.09
CA SER A 38 -0.90 -12.76 16.83
C SER A 38 0.03 -13.53 15.88
N ASN A 39 0.90 -14.37 16.45
CA ASN A 39 1.81 -15.18 15.64
C ASN A 39 1.40 -16.63 15.79
N ILE A 40 1.07 -17.27 14.67
CA ILE A 40 0.63 -18.65 14.67
C ILE A 40 1.67 -19.68 15.07
N ARG A 41 2.94 -19.37 14.85
CA ARG A 41 4.03 -20.29 15.21
C ARG A 41 3.84 -21.00 16.55
N GLU A 42 3.64 -20.23 17.61
CA GLU A 42 3.45 -20.80 18.94
C GLU A 42 2.22 -21.70 19.06
N MET A 43 1.39 -21.72 18.02
CA MET A 43 0.17 -22.51 18.01
C MET A 43 0.30 -23.86 17.29
N LEU A 44 1.21 -23.93 16.31
CA LEU A 44 1.42 -25.14 15.52
C LEU A 44 1.35 -26.47 16.29
N PRO A 45 2.12 -26.60 17.40
CA PRO A 45 2.07 -27.85 18.15
C PRO A 45 0.65 -28.30 18.56
N VAL A 46 -0.08 -27.43 19.25
CA VAL A 46 -1.44 -27.79 19.68
C VAL A 46 -2.35 -28.05 18.49
N LEU A 47 -2.21 -27.23 17.44
CA LEU A 47 -3.02 -27.39 16.24
C LEU A 47 -2.76 -28.74 15.59
N GLU A 48 -1.49 -29.11 15.44
CA GLU A 48 -1.15 -30.40 14.83
C GLU A 48 -1.73 -31.55 15.65
N ALA A 49 -1.50 -31.51 16.95
CA ALA A 49 -1.99 -32.55 17.84
C ALA A 49 -3.51 -32.69 17.75
N VAL A 50 -4.21 -31.57 17.64
CA VAL A 50 -5.67 -31.62 17.56
C VAL A 50 -6.12 -32.10 16.18
N ALA A 51 -5.43 -31.64 15.14
CA ALA A 51 -5.76 -32.04 13.78
C ALA A 51 -5.58 -33.55 13.64
N LYS A 52 -4.44 -34.04 14.10
CA LYS A 52 -4.14 -35.47 14.03
C LYS A 52 -5.19 -36.26 14.80
N ALA A 53 -5.70 -35.68 15.88
CA ALA A 53 -6.72 -36.35 16.72
C ALA A 53 -8.10 -36.37 16.07
N GLY A 54 -8.29 -35.59 15.01
CA GLY A 54 -9.57 -35.58 14.34
C GLY A 54 -10.72 -34.84 15.01
N LYS A 55 -10.40 -33.85 15.85
CA LYS A 55 -11.42 -33.07 16.54
C LYS A 55 -11.33 -31.58 16.21
N PRO A 56 -12.48 -30.87 16.26
CA PRO A 56 -12.54 -29.43 15.97
C PRO A 56 -11.95 -28.71 17.18
N LEU A 57 -11.62 -27.43 17.01
CA LEU A 57 -11.03 -26.67 18.11
C LEU A 57 -11.65 -25.30 18.28
N LEU A 58 -12.01 -24.96 19.52
CA LEU A 58 -12.57 -23.65 19.83
C LEU A 58 -11.46 -22.94 20.60
N ILE A 59 -11.16 -21.71 20.21
CA ILE A 59 -10.13 -20.94 20.88
C ILE A 59 -10.77 -19.77 21.60
N ILE A 60 -10.48 -19.65 22.88
CA ILE A 60 -11.00 -18.56 23.68
C ILE A 60 -9.75 -17.88 24.20
N ALA A 61 -9.53 -16.63 23.79
CA ALA A 61 -8.33 -15.90 24.19
C ALA A 61 -8.60 -14.42 24.36
N GLU A 62 -7.54 -13.66 24.63
CA GLU A 62 -7.66 -12.22 24.78
C GLU A 62 -8.09 -11.68 23.42
N ASP A 63 -7.45 -12.20 22.39
CA ASP A 63 -7.75 -11.79 21.02
C ASP A 63 -6.97 -12.72 20.11
N VAL A 64 -7.35 -12.75 18.84
CA VAL A 64 -6.68 -13.55 17.82
C VAL A 64 -6.69 -12.62 16.63
N GLU A 65 -5.52 -12.11 16.27
CA GLU A 65 -5.45 -11.17 15.17
C GLU A 65 -4.35 -11.46 14.15
N GLY A 66 -4.19 -10.50 13.24
CA GLY A 66 -3.18 -10.60 12.21
C GLY A 66 -3.06 -11.89 11.44
N GLU A 67 -1.82 -12.31 11.21
CA GLU A 67 -1.55 -13.53 10.47
C GLU A 67 -2.21 -14.71 11.18
N ALA A 68 -2.14 -14.71 12.51
CA ALA A 68 -2.71 -15.78 13.30
C ALA A 68 -4.15 -16.06 12.87
N LEU A 69 -5.00 -15.04 12.95
CA LEU A 69 -6.40 -15.18 12.59
C LEU A 69 -6.55 -15.66 11.16
N ALA A 70 -5.81 -15.03 10.26
CA ALA A 70 -5.86 -15.38 8.84
C ALA A 70 -5.49 -16.83 8.54
N THR A 71 -4.46 -17.36 9.18
CA THR A 71 -4.08 -18.75 8.90
C THR A 71 -5.13 -19.73 9.43
N LEU A 72 -5.74 -19.40 10.57
CA LEU A 72 -6.77 -20.29 11.11
C LEU A 72 -7.95 -20.39 10.16
N VAL A 73 -8.32 -19.26 9.57
CA VAL A 73 -9.43 -19.20 8.64
C VAL A 73 -9.13 -19.92 7.33
N VAL A 74 -7.95 -19.68 6.77
CA VAL A 74 -7.57 -20.31 5.52
C VAL A 74 -7.39 -21.83 5.63
N ASN A 75 -6.85 -22.30 6.76
CA ASN A 75 -6.66 -23.73 6.91
C ASN A 75 -7.92 -24.48 7.31
N THR A 76 -8.94 -23.74 7.79
CA THR A 76 -10.20 -24.39 8.12
C THR A 76 -10.93 -24.53 6.78
N MET A 77 -10.79 -23.52 5.92
CA MET A 77 -11.38 -23.54 4.59
C MET A 77 -10.72 -24.68 3.79
N ARG A 78 -9.42 -24.87 3.96
CA ARG A 78 -8.69 -25.93 3.25
C ARG A 78 -8.90 -27.33 3.86
N GLY A 79 -9.63 -27.40 4.97
CA GLY A 79 -9.89 -28.70 5.58
C GLY A 79 -8.72 -29.38 6.27
N ILE A 80 -7.70 -28.60 6.64
CA ILE A 80 -6.52 -29.14 7.32
C ILE A 80 -6.86 -29.18 8.80
N VAL A 81 -7.59 -28.16 9.26
CA VAL A 81 -8.04 -28.09 10.64
C VAL A 81 -9.47 -27.60 10.60
N LYS A 82 -10.11 -27.55 11.76
CA LYS A 82 -11.47 -27.04 11.88
C LYS A 82 -11.49 -26.27 13.19
N VAL A 83 -11.42 -24.95 13.11
CA VAL A 83 -11.40 -24.18 14.34
C VAL A 83 -12.28 -22.95 14.31
N ALA A 84 -12.52 -22.39 15.49
CA ALA A 84 -13.30 -21.16 15.65
C ALA A 84 -12.65 -20.41 16.80
N ALA A 85 -12.66 -19.08 16.75
CA ALA A 85 -12.05 -18.28 17.81
C ALA A 85 -12.94 -17.14 18.27
N VAL A 86 -13.00 -16.94 19.58
CA VAL A 86 -13.79 -15.87 20.17
C VAL A 86 -12.95 -15.25 21.27
N LYS A 87 -13.29 -14.04 21.70
CA LYS A 87 -12.55 -13.40 22.77
C LYS A 87 -13.11 -13.91 24.09
N ALA A 88 -12.29 -13.81 25.14
CA ALA A 88 -12.72 -14.22 26.47
C ALA A 88 -13.77 -13.21 26.96
N PRO A 89 -14.80 -13.66 27.69
CA PRO A 89 -15.84 -12.78 28.20
C PRO A 89 -15.34 -11.79 29.26
N GLY A 90 -16.10 -10.72 29.47
CA GLY A 90 -15.74 -9.72 30.47
C GLY A 90 -14.42 -8.99 30.26
N PHE A 91 -13.97 -8.26 31.28
CA PHE A 91 -12.73 -7.49 31.25
C PHE A 91 -12.00 -7.62 32.58
N GLY A 92 -10.74 -7.20 32.60
CA GLY A 92 -9.94 -7.23 33.82
C GLY A 92 -9.98 -8.51 34.65
N ASP A 93 -10.14 -8.36 35.96
CA ASP A 93 -10.19 -9.53 36.85
C ASP A 93 -11.39 -10.42 36.59
N ARG A 94 -12.50 -9.83 36.15
CA ARG A 94 -13.68 -10.62 35.87
C ARG A 94 -13.38 -11.59 34.71
N ARG A 95 -12.63 -11.12 33.71
CA ARG A 95 -12.29 -12.00 32.59
C ARG A 95 -11.54 -13.24 33.06
N LYS A 96 -10.56 -13.05 33.93
CA LYS A 96 -9.78 -14.20 34.43
C LYS A 96 -10.67 -15.19 35.17
N ALA A 97 -11.53 -14.67 36.03
CA ALA A 97 -12.43 -15.52 36.80
C ALA A 97 -13.35 -16.32 35.88
N MET A 98 -13.91 -15.66 34.87
CA MET A 98 -14.80 -16.35 33.94
C MET A 98 -14.09 -17.37 33.08
N LEU A 99 -12.87 -17.04 32.68
CA LEU A 99 -12.08 -17.95 31.85
C LEU A 99 -11.84 -19.21 32.68
N GLN A 100 -11.49 -19.03 33.94
CA GLN A 100 -11.27 -20.16 34.84
C GLN A 100 -12.53 -20.99 35.04
N ASP A 101 -13.68 -20.33 35.02
CA ASP A 101 -14.95 -21.04 35.18
C ASP A 101 -15.15 -22.01 34.02
N ILE A 102 -14.96 -21.50 32.80
CA ILE A 102 -15.11 -22.32 31.60
C ILE A 102 -14.17 -23.51 31.68
N ALA A 103 -12.93 -23.26 32.12
CA ALA A 103 -11.95 -24.32 32.25
C ALA A 103 -12.52 -25.44 33.12
N THR A 104 -12.96 -25.08 34.32
CA THR A 104 -13.53 -26.03 35.26
C THR A 104 -14.75 -26.73 34.69
N LEU A 105 -15.57 -25.98 33.97
CA LEU A 105 -16.77 -26.54 33.37
C LEU A 105 -16.45 -27.55 32.29
N THR A 106 -15.30 -27.38 31.65
CA THR A 106 -14.93 -28.26 30.57
C THR A 106 -13.73 -29.15 30.86
N GLY A 107 -13.24 -29.09 32.09
CA GLY A 107 -12.09 -29.90 32.46
C GLY A 107 -10.81 -29.43 31.79
N GLY A 108 -10.80 -28.18 31.34
CA GLY A 108 -9.61 -27.65 30.69
C GLY A 108 -8.70 -26.93 31.66
N THR A 109 -7.58 -26.43 31.14
CA THR A 109 -6.62 -25.70 31.95
C THR A 109 -6.25 -24.41 31.23
N VAL A 110 -6.38 -23.29 31.94
CA VAL A 110 -6.07 -21.99 31.37
C VAL A 110 -4.57 -21.87 31.13
N ILE A 111 -4.16 -21.64 29.89
CA ILE A 111 -2.74 -21.47 29.62
C ILE A 111 -2.41 -20.02 29.98
N SER A 112 -2.13 -19.80 31.27
CA SER A 112 -1.82 -18.47 31.78
C SER A 112 -0.37 -18.04 31.59
N GLU A 113 -0.19 -16.94 30.85
CA GLU A 113 1.14 -16.41 30.59
C GLU A 113 1.61 -15.67 31.85
N GLU A 114 0.65 -15.24 32.66
CA GLU A 114 0.96 -14.53 33.89
C GLU A 114 1.85 -15.41 34.77
N ILE A 115 1.42 -16.65 34.97
CA ILE A 115 2.20 -17.57 35.80
C ILE A 115 3.28 -18.23 34.94
N GLY A 116 3.53 -17.66 33.77
CA GLY A 116 4.54 -18.17 32.88
C GLY A 116 4.34 -19.49 32.16
N MET A 117 3.18 -19.69 31.54
CA MET A 117 2.94 -20.94 30.80
C MET A 117 3.15 -20.70 29.31
N GLU A 118 3.74 -21.66 28.63
CA GLU A 118 4.02 -21.54 27.20
C GLU A 118 3.00 -22.28 26.35
N LEU A 119 2.43 -21.58 25.38
CA LEU A 119 1.45 -22.16 24.48
C LEU A 119 2.09 -23.27 23.62
N GLU A 120 3.37 -23.11 23.30
CA GLU A 120 4.09 -24.11 22.51
C GLU A 120 4.11 -25.43 23.27
N LYS A 121 4.14 -25.35 24.59
CA LYS A 121 4.19 -26.55 25.43
C LYS A 121 2.80 -27.04 25.85
N ALA A 122 1.75 -26.44 25.31
CA ALA A 122 0.38 -26.85 25.63
C ALA A 122 0.11 -28.25 25.07
N THR A 123 -0.62 -29.06 25.83
CA THR A 123 -0.92 -30.42 25.39
C THR A 123 -2.42 -30.68 25.37
N LEU A 124 -2.81 -31.79 24.78
CA LEU A 124 -4.22 -32.16 24.70
C LEU A 124 -4.84 -32.29 26.08
N GLU A 125 -4.05 -32.71 27.04
CA GLU A 125 -4.52 -32.86 28.41
C GLU A 125 -4.90 -31.49 28.99
N ASP A 126 -4.28 -30.44 28.46
CA ASP A 126 -4.55 -29.08 28.91
C ASP A 126 -5.81 -28.50 28.28
N LEU A 127 -6.29 -29.15 27.23
CA LEU A 127 -7.48 -28.67 26.53
C LEU A 127 -8.75 -29.15 27.19
N GLY A 128 -9.82 -28.37 27.05
CA GLY A 128 -11.09 -28.75 27.63
C GLY A 128 -11.93 -29.46 26.58
N GLN A 129 -13.08 -30.00 26.97
CA GLN A 129 -13.94 -30.69 26.02
C GLN A 129 -15.40 -30.50 26.38
N ALA A 130 -16.27 -30.69 25.38
CA ALA A 130 -17.70 -30.54 25.58
C ALA A 130 -18.38 -31.27 24.44
N LYS A 131 -19.67 -31.53 24.61
CA LYS A 131 -20.41 -32.23 23.58
C LYS A 131 -20.58 -31.37 22.34
N ARG A 132 -20.84 -30.09 22.53
CA ARG A 132 -21.09 -29.22 21.40
C ARG A 132 -20.86 -27.75 21.70
N VAL A 133 -20.61 -26.97 20.66
CA VAL A 133 -20.38 -25.54 20.77
C VAL A 133 -21.08 -24.79 19.65
N VAL A 134 -21.83 -23.75 19.99
CA VAL A 134 -22.52 -22.95 18.99
C VAL A 134 -22.08 -21.50 19.10
N ILE A 135 -21.72 -20.91 17.97
CA ILE A 135 -21.28 -19.53 17.95
C ILE A 135 -21.97 -18.75 16.85
N ASN A 136 -22.44 -17.55 17.19
CA ASN A 136 -23.04 -16.69 16.18
C ASN A 136 -22.34 -15.34 16.28
N LYS A 137 -22.92 -14.33 15.65
CA LYS A 137 -22.34 -13.00 15.65
C LYS A 137 -22.20 -12.40 17.05
N ASP A 138 -23.12 -12.72 17.94
CA ASP A 138 -23.09 -12.13 19.29
C ASP A 138 -22.79 -13.03 20.48
N THR A 139 -23.02 -14.32 20.35
CA THR A 139 -22.79 -15.21 21.49
C THR A 139 -22.06 -16.51 21.21
N THR A 140 -21.62 -17.12 22.29
CA THR A 140 -20.91 -18.39 22.30
C THR A 140 -21.64 -19.25 23.32
N THR A 141 -22.03 -20.47 22.93
CA THR A 141 -22.73 -21.35 23.84
C THR A 141 -22.00 -22.68 23.95
N ILE A 142 -21.60 -23.04 25.17
CA ILE A 142 -20.93 -24.30 25.41
C ILE A 142 -21.97 -25.29 25.95
N ILE A 143 -22.12 -26.42 25.26
CA ILE A 143 -23.09 -27.43 25.67
C ILE A 143 -22.45 -28.68 26.26
N ASP A 144 -22.96 -29.07 27.43
CA ASP A 144 -22.49 -30.26 28.15
C ASP A 144 -20.98 -30.45 28.15
N GLY A 145 -20.29 -29.65 28.97
CA GLY A 145 -18.85 -29.78 29.05
C GLY A 145 -18.45 -30.93 29.94
N VAL A 146 -17.34 -31.58 29.61
CA VAL A 146 -16.85 -32.71 30.38
C VAL A 146 -16.82 -32.43 31.89
N TRP B 2 4.51 -17.87 2.35
CA TRP B 2 3.82 -18.87 3.21
C TRP B 2 4.37 -20.27 3.01
N MET B 3 4.61 -20.96 4.12
CA MET B 3 5.14 -22.32 4.12
C MET B 3 4.01 -23.30 4.39
N THR B 4 4.31 -24.59 4.26
CA THR B 4 3.34 -25.64 4.51
C THR B 4 3.93 -26.74 5.37
N THR B 5 3.50 -26.85 6.62
CA THR B 5 4.01 -27.88 7.51
C THR B 5 3.89 -29.23 6.82
N PRO B 6 4.64 -30.24 7.30
CA PRO B 6 4.56 -31.57 6.68
C PRO B 6 3.12 -32.09 6.68
N TRP B 7 2.32 -31.60 7.63
CA TRP B 7 0.93 -32.04 7.69
C TRP B 7 -0.02 -31.13 6.91
N GLY B 8 0.55 -30.24 6.09
CA GLY B 8 -0.26 -29.38 5.25
C GLY B 8 -0.80 -28.05 5.73
N PHE B 9 -0.33 -27.56 6.87
CA PHE B 9 -0.80 -26.29 7.39
C PHE B 9 -0.02 -25.15 6.71
N LEU B 10 -0.75 -24.30 6.00
CA LEU B 10 -0.15 -23.17 5.28
C LEU B 10 -0.05 -21.94 6.18
N HIS B 11 1.16 -21.42 6.37
CA HIS B 11 1.34 -20.27 7.23
C HIS B 11 2.54 -19.41 6.85
N PRO B 12 2.57 -18.15 7.32
CA PRO B 12 3.66 -17.21 7.03
C PRO B 12 4.97 -17.60 7.73
N GLU C 1 -2.64 8.12 -4.05
CA GLU C 1 -2.08 9.50 -4.09
C GLU C 1 -3.06 10.45 -4.77
N GLY C 2 -3.65 11.34 -3.98
CA GLY C 2 -4.61 12.29 -4.52
C GLY C 2 -4.19 13.73 -4.24
N MET C 3 -4.60 14.64 -5.13
CA MET C 3 -4.26 16.04 -4.98
C MET C 3 -5.22 16.93 -5.77
N GLN C 4 -5.67 18.01 -5.15
CA GLN C 4 -6.60 18.93 -5.81
C GLN C 4 -6.51 20.33 -5.23
N PHE C 5 -6.42 21.33 -6.09
CA PHE C 5 -6.35 22.72 -5.65
C PHE C 5 -7.27 23.61 -6.47
N ASP C 6 -7.59 24.78 -5.94
CA ASP C 6 -8.52 25.70 -6.60
C ASP C 6 -7.97 26.59 -7.71
N ARG C 7 -7.46 25.97 -8.77
CA ARG C 7 -6.95 26.72 -9.92
C ARG C 7 -7.50 25.98 -11.14
N GLY C 8 -8.04 26.73 -12.10
CA GLY C 8 -8.57 26.13 -13.31
C GLY C 8 -7.65 26.32 -14.51
N TYR C 9 -8.09 25.89 -15.70
CA TYR C 9 -7.27 26.03 -16.89
C TYR C 9 -7.01 27.50 -17.23
N LEU C 10 -5.85 27.81 -17.79
CA LEU C 10 -5.54 29.18 -18.14
C LEU C 10 -6.08 29.54 -19.52
N SER C 11 -6.77 28.59 -20.11
CA SER C 11 -7.38 28.79 -21.42
C SER C 11 -8.38 27.69 -21.72
N PRO C 12 -9.59 28.07 -22.12
CA PRO C 12 -10.65 27.11 -22.44
C PRO C 12 -10.26 26.21 -23.63
N TYR C 13 -9.26 26.63 -24.39
CA TYR C 13 -8.83 25.83 -25.55
C TYR C 13 -8.06 24.58 -25.16
N PHE C 14 -7.75 24.41 -23.87
CA PHE C 14 -7.06 23.21 -23.41
C PHE C 14 -8.10 22.10 -23.20
N ILE C 15 -9.38 22.50 -23.19
CA ILE C 15 -10.45 21.51 -23.01
C ILE C 15 -10.41 20.44 -24.10
N ASN C 16 -10.51 19.17 -23.69
CA ASN C 16 -10.52 18.08 -24.66
C ASN C 16 -11.75 17.19 -24.42
N LYS C 17 -12.64 17.67 -23.56
CA LYS C 17 -13.90 16.99 -23.24
C LYS C 17 -14.98 18.08 -23.29
N PRO C 18 -15.39 18.47 -24.50
CA PRO C 18 -16.41 19.50 -24.75
C PRO C 18 -17.70 19.29 -23.95
N GLU C 19 -18.21 18.06 -24.02
CA GLU C 19 -19.44 17.69 -23.34
C GLU C 19 -19.51 18.18 -21.90
N THR C 20 -18.36 18.18 -21.23
CA THR C 20 -18.30 18.62 -19.84
C THR C 20 -17.42 19.85 -19.63
N GLY C 21 -16.78 20.31 -20.70
CA GLY C 21 -15.92 21.47 -20.59
C GLY C 21 -14.77 21.23 -19.62
N ALA C 22 -14.11 20.09 -19.76
CA ALA C 22 -12.99 19.77 -18.88
C ALA C 22 -11.77 19.28 -19.65
N VAL C 23 -10.65 19.20 -18.93
CA VAL C 23 -9.39 18.71 -19.50
C VAL C 23 -9.08 17.38 -18.82
N GLU C 24 -8.80 16.36 -19.62
CA GLU C 24 -8.45 15.05 -19.08
C GLU C 24 -7.20 14.51 -19.73
N LEU C 25 -6.12 14.44 -18.96
CA LEU C 25 -4.84 13.94 -19.47
C LEU C 25 -4.48 12.59 -18.85
N GLU C 26 -4.01 11.67 -19.69
CA GLU C 26 -3.63 10.34 -19.23
C GLU C 26 -2.11 10.21 -19.20
N SER C 27 -1.58 9.71 -18.09
CA SER C 27 -0.14 9.53 -17.92
C SER C 27 0.64 10.74 -18.39
N PRO C 28 0.28 11.94 -17.89
CA PRO C 28 0.98 13.16 -18.30
C PRO C 28 2.24 13.45 -17.52
N PHE C 29 3.15 14.19 -18.15
CA PHE C 29 4.37 14.64 -17.50
C PHE C 29 3.91 15.90 -16.80
N ILE C 30 4.62 16.33 -15.77
CA ILE C 30 4.22 17.54 -15.06
C ILE C 30 5.41 18.46 -14.82
N LEU C 31 5.35 19.64 -15.42
CA LEU C 31 6.39 20.66 -15.27
C LEU C 31 6.00 21.59 -14.13
N LEU C 32 6.88 21.74 -13.15
CA LEU C 32 6.64 22.61 -12.01
C LEU C 32 7.65 23.76 -12.03
N ALA C 33 7.16 24.97 -12.26
CA ALA C 33 8.04 26.13 -12.34
C ALA C 33 7.65 27.23 -11.37
N ASP C 34 8.60 27.63 -10.53
CA ASP C 34 8.33 28.67 -9.55
C ASP C 34 8.55 30.06 -10.18
N LYS C 35 7.87 30.32 -11.29
CA LYS C 35 7.97 31.61 -11.95
C LYS C 35 6.95 31.74 -13.07
N LYS C 36 6.87 32.95 -13.61
CA LYS C 36 5.95 33.25 -14.69
C LYS C 36 6.60 32.91 -16.02
N ILE C 37 5.83 32.23 -16.86
CA ILE C 37 6.32 31.85 -18.18
C ILE C 37 5.58 32.66 -19.25
N SER C 38 6.30 33.54 -19.94
CA SER C 38 5.68 34.36 -20.99
C SER C 38 6.39 34.27 -22.34
N ASN C 39 7.57 33.67 -22.34
CA ASN C 39 8.35 33.55 -23.57
C ASN C 39 8.49 32.09 -23.96
N ILE C 40 7.95 31.73 -25.13
CA ILE C 40 7.99 30.35 -25.60
C ILE C 40 9.39 29.78 -25.79
N ARG C 41 10.30 30.59 -26.32
CA ARG C 41 11.68 30.14 -26.55
C ARG C 41 12.24 29.47 -25.29
N GLU C 42 11.89 29.99 -24.12
CA GLU C 42 12.37 29.42 -22.87
C GLU C 42 11.82 28.02 -22.65
N MET C 43 10.71 27.70 -23.32
CA MET C 43 10.04 26.39 -23.20
C MET C 43 10.42 25.35 -24.26
N LEU C 44 10.99 25.82 -25.37
CA LEU C 44 11.34 24.93 -26.49
C LEU C 44 12.13 23.67 -26.16
N PRO C 45 13.18 23.79 -25.33
CA PRO C 45 13.95 22.59 -25.01
C PRO C 45 13.12 21.50 -24.34
N VAL C 46 12.39 21.86 -23.31
CA VAL C 46 11.54 20.88 -22.61
C VAL C 46 10.42 20.33 -23.49
N LEU C 47 9.79 21.20 -24.27
CA LEU C 47 8.68 20.81 -25.14
C LEU C 47 9.07 19.76 -26.19
N GLU C 48 10.24 19.94 -26.78
CA GLU C 48 10.71 18.99 -27.78
C GLU C 48 10.92 17.62 -27.15
N ALA C 49 11.50 17.63 -25.95
CA ALA C 49 11.76 16.40 -25.22
C ALA C 49 10.45 15.67 -24.95
N VAL C 50 9.42 16.44 -24.61
CA VAL C 50 8.13 15.86 -24.31
C VAL C 50 7.49 15.33 -25.58
N ALA C 51 7.59 16.10 -26.66
CA ALA C 51 7.03 15.69 -27.94
C ALA C 51 7.63 14.37 -28.39
N LYS C 52 8.95 14.25 -28.30
CA LYS C 52 9.62 13.03 -28.70
C LYS C 52 9.26 11.87 -27.77
N ALA C 53 8.73 12.18 -26.59
CA ALA C 53 8.35 11.13 -25.65
C ALA C 53 6.93 10.65 -25.88
N GLY C 54 6.14 11.44 -26.60
CA GLY C 54 4.77 11.04 -26.87
C GLY C 54 3.82 11.04 -25.69
N LYS C 55 4.05 11.93 -24.72
CA LYS C 55 3.17 12.01 -23.55
C LYS C 55 2.66 13.43 -23.32
N PRO C 56 1.43 13.56 -22.78
CA PRO C 56 0.83 14.86 -22.51
C PRO C 56 1.63 15.60 -21.45
N LEU C 57 1.44 16.91 -21.36
CA LEU C 57 2.15 17.71 -20.38
C LEU C 57 1.23 18.69 -19.67
N LEU C 58 1.30 18.69 -18.34
CA LEU C 58 0.54 19.63 -17.54
C LEU C 58 1.57 20.59 -17.00
N ILE C 59 1.31 21.88 -17.19
CA ILE C 59 2.21 22.91 -16.69
C ILE C 59 1.59 23.64 -15.51
N ILE C 60 2.35 23.66 -14.41
CA ILE C 60 1.97 24.33 -13.18
C ILE C 60 3.06 25.36 -12.87
N ALA C 61 2.76 26.63 -13.12
CA ALA C 61 3.73 27.70 -12.89
C ALA C 61 3.05 28.87 -12.20
N GLU C 62 3.84 29.85 -11.74
CA GLU C 62 3.30 31.02 -11.08
C GLU C 62 2.24 31.65 -11.99
N ASP C 63 2.46 31.51 -13.30
CA ASP C 63 1.54 32.00 -14.33
C ASP C 63 2.09 31.62 -15.70
N VAL C 64 1.21 31.47 -16.68
CA VAL C 64 1.60 31.17 -18.06
C VAL C 64 0.78 32.18 -18.83
N GLU C 65 1.45 33.11 -19.49
CA GLU C 65 0.74 34.16 -20.20
C GLU C 65 1.36 34.61 -21.50
N GLY C 66 0.72 35.60 -22.10
CA GLY C 66 1.16 36.20 -23.35
C GLY C 66 1.51 35.28 -24.50
N GLU C 67 2.67 35.52 -25.09
CA GLU C 67 3.14 34.74 -26.22
C GLU C 67 3.23 33.25 -25.91
N ALA C 68 3.77 32.92 -24.75
CA ALA C 68 3.91 31.52 -24.35
C ALA C 68 2.56 30.80 -24.29
N LEU C 69 1.57 31.42 -23.65
CA LEU C 69 0.26 30.79 -23.54
C LEU C 69 -0.37 30.58 -24.90
N ALA C 70 -0.43 31.64 -25.70
CA ALA C 70 -1.02 31.59 -27.03
C ALA C 70 -0.36 30.53 -27.90
N THR C 71 0.96 30.45 -27.85
CA THR C 71 1.70 29.46 -28.64
C THR C 71 1.46 28.02 -28.19
N LEU C 72 1.36 27.80 -26.87
CA LEU C 72 1.10 26.44 -26.38
C LEU C 72 -0.27 25.98 -26.91
N VAL C 73 -1.23 26.90 -26.90
CA VAL C 73 -2.58 26.62 -27.39
C VAL C 73 -2.58 26.24 -28.89
N VAL C 74 -1.93 27.06 -29.71
CA VAL C 74 -1.85 26.81 -31.14
C VAL C 74 -1.34 25.41 -31.48
N ASN C 75 -0.25 25.02 -30.83
CA ASN C 75 0.35 23.74 -31.09
C ASN C 75 -0.38 22.58 -30.45
N THR C 76 -1.30 22.89 -29.54
CA THR C 76 -2.10 21.85 -28.93
C THR C 76 -3.21 21.59 -29.95
N MET C 77 -3.86 22.66 -30.41
CA MET C 77 -4.92 22.55 -31.41
C MET C 77 -4.40 21.81 -32.65
N ARG C 78 -3.10 21.95 -32.92
CA ARG C 78 -2.49 21.33 -34.09
C ARG C 78 -1.96 19.89 -33.93
N GLY C 79 -1.98 19.35 -32.72
CA GLY C 79 -1.51 17.98 -32.54
C GLY C 79 -0.02 17.79 -32.29
N ILE C 80 0.76 18.87 -32.34
CA ILE C 80 2.19 18.76 -32.11
C ILE C 80 2.53 18.30 -30.68
N VAL C 81 1.97 19.00 -29.69
CA VAL C 81 2.22 18.66 -28.29
C VAL C 81 0.97 18.93 -27.45
N LYS C 82 0.44 17.89 -26.82
CA LYS C 82 -0.77 18.02 -26.00
C LYS C 82 -0.47 18.57 -24.60
N VAL C 83 -0.90 19.80 -24.36
CA VAL C 83 -0.64 20.43 -23.07
C VAL C 83 -1.84 21.14 -22.44
N ALA C 84 -1.72 21.42 -21.15
CA ALA C 84 -2.71 22.15 -20.38
C ALA C 84 -1.87 22.94 -19.38
N ALA C 85 -2.29 24.16 -19.05
CA ALA C 85 -1.55 24.98 -18.11
C ALA C 85 -2.46 25.57 -17.03
N VAL C 86 -1.94 25.60 -15.80
CA VAL C 86 -2.66 26.13 -14.64
C VAL C 86 -1.73 26.92 -13.72
N LYS C 87 -2.30 27.89 -12.99
CA LYS C 87 -1.50 28.66 -12.05
C LYS C 87 -1.19 27.81 -10.84
N ALA C 88 -0.02 28.02 -10.24
CA ALA C 88 0.35 27.29 -9.04
C ALA C 88 -0.57 27.80 -7.91
N PRO C 89 -0.99 26.91 -7.00
CA PRO C 89 -1.87 27.30 -5.90
C PRO C 89 -1.16 28.05 -4.77
N GLY C 90 -1.94 28.80 -4.00
CA GLY C 90 -1.39 29.55 -2.89
C GLY C 90 -0.78 30.88 -3.24
N PHE C 91 -0.22 31.53 -2.24
CA PHE C 91 0.41 32.83 -2.39
C PHE C 91 1.77 32.83 -1.68
N GLY C 92 2.73 33.59 -2.22
CA GLY C 92 4.04 33.69 -1.60
C GLY C 92 4.68 32.40 -1.13
N ASP C 93 5.14 32.39 0.11
CA ASP C 93 5.78 31.21 0.68
C ASP C 93 4.92 29.93 0.65
N ARG C 94 3.61 30.07 0.81
CA ARG C 94 2.74 28.90 0.79
C ARG C 94 2.72 28.28 -0.60
N ARG C 95 2.76 29.12 -1.63
CA ARG C 95 2.77 28.64 -3.01
C ARG C 95 4.04 27.82 -3.25
N LYS C 96 5.15 28.27 -2.68
CA LYS C 96 6.40 27.53 -2.84
C LYS C 96 6.31 26.20 -2.13
N ALA C 97 5.78 26.20 -0.91
CA ALA C 97 5.67 24.96 -0.15
C ALA C 97 4.77 23.98 -0.89
N MET C 98 3.63 24.47 -1.36
CA MET C 98 2.68 23.62 -2.09
C MET C 98 3.24 23.07 -3.37
N LEU C 99 4.07 23.86 -4.04
CA LEU C 99 4.66 23.39 -5.29
C LEU C 99 5.61 22.24 -4.96
N GLN C 100 6.40 22.40 -3.91
CA GLN C 100 7.35 21.34 -3.50
C GLN C 100 6.59 20.07 -3.12
N ASP C 101 5.43 20.21 -2.48
CA ASP C 101 4.65 19.04 -2.10
C ASP C 101 4.21 18.28 -3.36
N ILE C 102 3.77 19.04 -4.37
CA ILE C 102 3.33 18.44 -5.62
C ILE C 102 4.50 17.73 -6.30
N ALA C 103 5.69 18.30 -6.13
CA ALA C 103 6.90 17.71 -6.70
C ALA C 103 7.16 16.36 -6.03
N THR C 104 6.98 16.33 -4.72
CA THR C 104 7.19 15.10 -3.95
C THR C 104 6.18 14.03 -4.36
N LEU C 105 4.93 14.43 -4.48
CA LEU C 105 3.87 13.51 -4.86
C LEU C 105 4.04 12.94 -6.27
N THR C 106 4.57 13.75 -7.18
CA THR C 106 4.74 13.33 -8.56
C THR C 106 6.16 12.95 -8.91
N GLY C 107 7.06 13.04 -7.94
CA GLY C 107 8.44 12.68 -8.18
C GLY C 107 9.15 13.64 -9.11
N GLY C 108 8.64 14.87 -9.18
CA GLY C 108 9.26 15.86 -10.05
C GLY C 108 10.17 16.76 -9.24
N THR C 109 10.62 17.84 -9.86
CA THR C 109 11.50 18.78 -9.20
C THR C 109 11.06 20.20 -9.57
N VAL C 110 10.95 21.08 -8.58
CA VAL C 110 10.56 22.45 -8.86
C VAL C 110 11.73 23.24 -9.47
N ILE C 111 11.47 23.88 -10.61
CA ILE C 111 12.47 24.69 -11.26
C ILE C 111 12.41 26.06 -10.60
N SER C 112 13.39 26.37 -9.75
CA SER C 112 13.39 27.66 -9.07
C SER C 112 14.63 28.51 -9.33
N GLU C 113 14.41 29.70 -9.86
CA GLU C 113 15.50 30.63 -10.16
C GLU C 113 16.18 31.03 -8.86
N GLU C 114 15.42 31.02 -7.77
CA GLU C 114 15.94 31.41 -6.47
C GLU C 114 17.27 30.73 -6.20
N ILE C 115 17.37 29.45 -6.56
CA ILE C 115 18.60 28.70 -6.34
C ILE C 115 19.38 28.53 -7.63
N GLY C 116 19.14 29.40 -8.59
CA GLY C 116 19.87 29.35 -9.85
C GLY C 116 19.48 28.33 -10.90
N MET C 117 18.27 27.78 -10.82
CA MET C 117 17.86 26.81 -11.83
C MET C 117 17.34 27.56 -13.05
N GLU C 118 17.52 26.97 -14.23
CA GLU C 118 17.06 27.60 -15.47
C GLU C 118 16.03 26.74 -16.18
N LEU C 119 14.88 27.34 -16.48
CA LEU C 119 13.81 26.65 -17.16
C LEU C 119 14.28 26.13 -18.50
N GLU C 120 15.12 26.92 -19.16
CA GLU C 120 15.67 26.56 -20.46
C GLU C 120 16.49 25.28 -20.38
N LYS C 121 17.03 24.97 -19.20
CA LYS C 121 17.83 23.76 -19.03
C LYS C 121 17.08 22.59 -18.42
N ALA C 122 15.78 22.74 -18.23
CA ALA C 122 14.96 21.67 -17.66
C ALA C 122 14.92 20.47 -18.60
N THR C 123 14.86 19.27 -18.03
CA THR C 123 14.82 18.04 -18.81
C THR C 123 13.69 17.14 -18.32
N LEU C 124 13.50 16.02 -19.02
CA LEU C 124 12.45 15.07 -18.67
C LEU C 124 12.58 14.54 -17.25
N GLU C 125 13.82 14.45 -16.77
CA GLU C 125 14.10 13.96 -15.43
C GLU C 125 13.53 14.87 -14.34
N ASP C 126 13.40 16.17 -14.66
CA ASP C 126 12.86 17.13 -13.69
C ASP C 126 11.34 17.10 -13.63
N LEU C 127 10.72 16.42 -14.60
CA LEU C 127 9.27 16.39 -14.68
C LEU C 127 8.63 15.35 -13.78
N GLY C 128 7.50 15.71 -13.19
CA GLY C 128 6.77 14.79 -12.34
C GLY C 128 5.94 13.91 -13.26
N GLN C 129 5.18 12.99 -12.68
CA GLN C 129 4.33 12.11 -13.45
C GLN C 129 3.16 11.68 -12.61
N ALA C 130 2.06 11.33 -13.28
CA ALA C 130 0.85 10.88 -12.59
C ALA C 130 0.01 10.08 -13.56
N LYS C 131 -0.97 9.34 -13.02
CA LYS C 131 -1.85 8.51 -13.83
C LYS C 131 -2.81 9.36 -14.64
N ARG C 132 -3.50 10.28 -13.97
CA ARG C 132 -4.44 11.16 -14.63
C ARG C 132 -4.46 12.57 -14.05
N VAL C 133 -4.94 13.50 -14.85
CA VAL C 133 -5.07 14.88 -14.43
C VAL C 133 -6.40 15.38 -14.97
N VAL C 134 -7.23 15.93 -14.10
CA VAL C 134 -8.52 16.45 -14.52
C VAL C 134 -8.60 17.93 -14.18
N ILE C 135 -8.81 18.74 -15.20
CA ILE C 135 -8.89 20.19 -15.02
C ILE C 135 -10.24 20.73 -15.50
N ASN C 136 -10.77 21.71 -14.78
CA ASN C 136 -12.02 22.36 -15.15
C ASN C 136 -11.79 23.85 -14.99
N LYS C 137 -12.85 24.63 -15.13
CA LYS C 137 -12.74 26.07 -15.01
C LYS C 137 -12.24 26.54 -13.64
N ASP C 138 -12.54 25.76 -12.61
CA ASP C 138 -12.16 26.17 -11.26
C ASP C 138 -11.09 25.39 -10.50
N THR C 139 -10.94 24.10 -10.81
CA THR C 139 -9.96 23.30 -10.08
C THR C 139 -9.12 22.36 -10.93
N THR C 140 -8.08 21.84 -10.30
CA THR C 140 -7.17 20.88 -10.92
C THR C 140 -7.09 19.68 -9.98
N THR C 141 -7.05 18.49 -10.54
CA THR C 141 -6.97 17.28 -9.73
C THR C 141 -5.90 16.38 -10.32
N ILE C 142 -4.94 15.99 -9.49
CA ILE C 142 -3.86 15.12 -9.91
C ILE C 142 -4.12 13.78 -9.25
N ILE C 143 -4.22 12.73 -10.05
CA ILE C 143 -4.50 11.40 -9.53
C ILE C 143 -3.34 10.40 -9.71
N ASP C 144 -3.00 9.74 -8.60
CA ASP C 144 -1.93 8.74 -8.55
C ASP C 144 -0.58 9.18 -9.10
N GLY C 145 0.14 9.97 -8.33
CA GLY C 145 1.45 10.42 -8.77
C GLY C 145 2.45 9.30 -8.58
N VAL C 146 3.56 9.32 -9.32
CA VAL C 146 4.57 8.29 -9.18
C VAL C 146 5.32 8.38 -7.86
N TRP D 2 6.71 34.05 -38.63
CA TRP D 2 6.63 32.84 -37.78
C TRP D 2 7.59 31.76 -38.26
N MET D 3 7.91 30.83 -37.37
CA MET D 3 8.84 29.73 -37.68
C MET D 3 8.27 28.39 -37.25
N THR D 4 8.82 27.31 -37.81
CA THR D 4 8.39 25.97 -37.47
C THR D 4 9.61 25.11 -37.18
N THR D 5 9.74 24.65 -35.94
CA THR D 5 10.87 23.81 -35.54
C THR D 5 10.89 22.50 -36.32
N PRO D 6 12.04 21.79 -36.32
CA PRO D 6 12.19 20.51 -37.02
C PRO D 6 11.15 19.48 -36.62
N TRP D 7 10.62 19.61 -35.40
CA TRP D 7 9.62 18.66 -34.93
C TRP D 7 8.18 19.14 -35.16
N GLY D 8 8.06 20.26 -35.87
CA GLY D 8 6.73 20.77 -36.19
C GLY D 8 6.06 21.80 -35.30
N PHE D 9 6.79 22.33 -34.32
CA PHE D 9 6.22 23.32 -33.40
C PHE D 9 6.19 24.72 -34.01
N LEU D 10 4.98 25.25 -34.18
CA LEU D 10 4.77 26.57 -34.76
C LEU D 10 4.92 27.68 -33.71
N HIS D 11 5.77 28.66 -33.97
CA HIS D 11 5.96 29.75 -33.01
C HIS D 11 6.48 31.05 -33.59
N PRO D 12 6.15 32.18 -32.95
CA PRO D 12 6.57 33.53 -33.35
C PRO D 12 8.07 33.71 -33.16
N GLU E 1 -36.43 -6.20 -10.30
CA GLU E 1 -35.71 -7.49 -10.40
C GLU E 1 -34.81 -7.50 -11.64
N GLY E 2 -34.28 -8.66 -11.99
CA GLY E 2 -33.40 -8.74 -13.15
C GLY E 2 -33.37 -10.10 -13.83
N MET E 3 -32.22 -10.41 -14.41
CA MET E 3 -32.02 -11.67 -15.12
C MET E 3 -31.29 -12.66 -14.20
N GLN E 4 -31.84 -13.86 -14.05
CA GLN E 4 -31.21 -14.84 -13.19
C GLN E 4 -31.28 -16.26 -13.72
N PHE E 5 -30.39 -17.12 -13.21
CA PHE E 5 -30.37 -18.53 -13.60
C PHE E 5 -30.24 -19.42 -12.36
N ASP E 6 -30.50 -20.71 -12.56
CA ASP E 6 -30.46 -21.69 -11.48
C ASP E 6 -29.11 -22.30 -11.11
N ARG E 7 -28.18 -21.44 -10.72
CA ARG E 7 -26.85 -21.89 -10.31
C ARG E 7 -26.44 -21.00 -9.16
N GLY E 8 -25.98 -21.61 -8.07
CA GLY E 8 -25.57 -20.86 -6.89
C GLY E 8 -24.06 -20.76 -6.77
N TYR E 9 -23.57 -20.31 -5.62
CA TYR E 9 -22.13 -20.15 -5.44
C TYR E 9 -21.39 -21.46 -5.44
N LEU E 10 -20.18 -21.44 -5.98
CA LEU E 10 -19.39 -22.65 -6.01
C LEU E 10 -18.70 -22.91 -4.66
N SER E 11 -18.80 -21.94 -3.76
CA SER E 11 -18.22 -22.08 -2.42
C SER E 11 -18.95 -21.16 -1.43
N PRO E 12 -19.26 -21.67 -0.24
CA PRO E 12 -19.96 -20.84 0.76
C PRO E 12 -19.05 -19.74 1.27
N TYR E 13 -17.75 -19.90 1.07
CA TYR E 13 -16.80 -18.89 1.54
C TYR E 13 -16.84 -17.60 0.71
N PHE E 14 -17.61 -17.58 -0.38
CA PHE E 14 -17.76 -16.37 -1.19
C PHE E 14 -18.80 -15.45 -0.55
N ILE E 15 -19.65 -16.01 0.31
CA ILE E 15 -20.71 -15.26 1.00
C ILE E 15 -20.19 -14.02 1.74
N ASN E 16 -20.79 -12.86 1.50
CA ASN E 16 -20.35 -11.65 2.22
C ASN E 16 -21.48 -11.06 3.05
N LYS E 17 -22.60 -11.75 3.12
CA LYS E 17 -23.74 -11.33 3.93
C LYS E 17 -24.06 -12.51 4.84
N PRO E 18 -23.23 -12.71 5.88
CA PRO E 18 -23.33 -13.78 6.88
C PRO E 18 -24.74 -14.04 7.36
N GLU E 19 -25.39 -12.97 7.82
CA GLU E 19 -26.74 -13.04 8.33
C GLU E 19 -27.68 -13.82 7.41
N THR E 20 -27.74 -13.39 6.15
CA THR E 20 -28.61 -14.04 5.19
C THR E 20 -27.93 -15.12 4.36
N GLY E 21 -26.62 -15.33 4.59
CA GLY E 21 -25.91 -16.35 3.85
C GLY E 21 -25.97 -16.12 2.36
N ALA E 22 -25.81 -14.87 1.94
CA ALA E 22 -25.85 -14.53 0.54
C ALA E 22 -24.61 -13.77 0.07
N VAL E 23 -24.46 -13.70 -1.25
CA VAL E 23 -23.36 -12.99 -1.89
C VAL E 23 -23.97 -11.78 -2.59
N GLU E 24 -23.45 -10.60 -2.31
CA GLU E 24 -23.93 -9.37 -2.93
C GLU E 24 -22.74 -8.54 -3.33
N LEU E 25 -22.62 -8.28 -4.62
CA LEU E 25 -21.51 -7.50 -5.15
C LEU E 25 -22.05 -6.24 -5.79
N GLU E 26 -21.37 -5.13 -5.56
CA GLU E 26 -21.79 -3.85 -6.10
C GLU E 26 -20.89 -3.44 -7.24
N SER E 27 -21.50 -3.01 -8.35
CA SER E 27 -20.74 -2.56 -9.50
C SER E 27 -19.60 -3.55 -9.81
N PRO E 28 -19.93 -4.83 -10.01
CA PRO E 28 -18.86 -5.79 -10.29
C PRO E 28 -18.54 -5.99 -11.76
N PHE E 29 -17.38 -6.58 -12.01
CA PHE E 29 -16.95 -6.95 -13.35
C PHE E 29 -17.46 -8.39 -13.51
N ILE E 30 -17.61 -8.83 -14.74
CA ILE E 30 -18.09 -10.17 -14.98
C ILE E 30 -17.28 -10.88 -16.05
N LEU E 31 -16.61 -11.95 -15.65
CA LEU E 31 -15.80 -12.78 -16.54
C LEU E 31 -16.63 -13.98 -16.98
N LEU E 32 -16.79 -14.11 -18.29
CA LEU E 32 -17.53 -15.20 -18.89
C LEU E 32 -16.57 -16.11 -19.65
N ALA E 33 -16.46 -17.36 -19.22
CA ALA E 33 -15.54 -18.29 -19.86
C ALA E 33 -16.20 -19.63 -20.16
N ASP E 34 -16.13 -20.06 -21.41
CA ASP E 34 -16.73 -21.34 -21.77
C ASP E 34 -15.70 -22.46 -21.64
N LYS E 35 -15.29 -22.75 -20.42
CA LYS E 35 -14.31 -23.79 -20.15
C LYS E 35 -14.18 -24.02 -18.65
N LYS E 36 -13.52 -25.11 -18.28
CA LYS E 36 -13.32 -25.39 -16.87
C LYS E 36 -12.04 -24.67 -16.46
N ILE E 37 -12.10 -23.95 -15.34
CA ILE E 37 -10.94 -23.24 -14.86
C ILE E 37 -10.39 -23.96 -13.63
N SER E 38 -9.22 -24.55 -13.76
CA SER E 38 -8.61 -25.27 -12.65
C SER E 38 -7.21 -24.78 -12.28
N ASN E 39 -6.57 -24.05 -13.20
CA ASN E 39 -5.21 -23.52 -13.00
C ASN E 39 -5.27 -22.01 -12.78
N ILE E 40 -4.89 -21.58 -11.59
CA ILE E 40 -4.93 -20.17 -11.22
C ILE E 40 -3.96 -19.29 -12.01
N ARG E 41 -2.76 -19.81 -12.29
CA ARG E 41 -1.76 -19.05 -13.05
C ARG E 41 -2.33 -18.46 -14.34
N GLU E 42 -3.37 -19.08 -14.87
CA GLU E 42 -4.02 -18.64 -16.09
C GLU E 42 -4.91 -17.41 -15.81
N MET E 43 -5.36 -17.28 -14.56
CA MET E 43 -6.23 -16.20 -14.12
C MET E 43 -5.48 -14.94 -13.66
N LEU E 44 -4.23 -15.12 -13.24
CA LEU E 44 -3.43 -14.01 -12.72
C LEU E 44 -3.45 -12.72 -13.52
N PRO E 45 -3.17 -12.78 -14.83
CA PRO E 45 -3.19 -11.52 -15.58
C PRO E 45 -4.46 -10.70 -15.37
N VAL E 46 -5.61 -11.25 -15.77
CA VAL E 46 -6.85 -10.50 -15.61
C VAL E 46 -7.20 -10.24 -14.14
N LEU E 47 -6.72 -11.10 -13.24
CA LEU E 47 -7.01 -10.91 -11.82
C LEU E 47 -6.29 -9.65 -11.31
N GLU E 48 -5.08 -9.43 -11.80
CA GLU E 48 -4.31 -8.26 -11.39
C GLU E 48 -4.99 -6.99 -11.87
N ALA E 49 -5.45 -6.99 -13.12
CA ALA E 49 -6.12 -5.81 -13.66
C ALA E 49 -7.36 -5.47 -12.84
N VAL E 50 -8.15 -6.48 -12.50
CA VAL E 50 -9.36 -6.27 -11.72
C VAL E 50 -9.04 -5.74 -10.34
N ALA E 51 -8.01 -6.29 -9.70
CA ALA E 51 -7.62 -5.86 -8.36
C ALA E 51 -7.29 -4.37 -8.37
N LYS E 52 -6.53 -3.95 -9.37
CA LYS E 52 -6.16 -2.55 -9.48
C LYS E 52 -7.39 -1.67 -9.63
N ALA E 53 -8.34 -2.11 -10.46
CA ALA E 53 -9.56 -1.34 -10.70
C ALA E 53 -10.41 -1.21 -9.44
N GLY E 54 -10.10 -2.01 -8.43
CA GLY E 54 -10.83 -1.95 -7.18
C GLY E 54 -12.30 -2.33 -7.24
N LYS E 55 -12.66 -3.26 -8.12
CA LYS E 55 -14.05 -3.69 -8.23
C LYS E 55 -14.16 -5.20 -8.01
N PRO E 56 -15.34 -5.67 -7.56
CA PRO E 56 -15.58 -7.09 -7.32
C PRO E 56 -15.66 -7.83 -8.65
N LEU E 57 -15.40 -9.13 -8.64
CA LEU E 57 -15.48 -9.92 -9.87
C LEU E 57 -16.31 -11.19 -9.76
N LEU E 58 -17.27 -11.33 -10.66
CA LEU E 58 -18.12 -12.52 -10.73
C LEU E 58 -17.59 -13.36 -11.88
N ILE E 59 -17.28 -14.62 -11.59
CA ILE E 59 -16.79 -15.52 -12.60
C ILE E 59 -17.88 -16.53 -12.96
N ILE E 60 -18.23 -16.60 -14.24
CA ILE E 60 -19.21 -17.54 -14.74
C ILE E 60 -18.49 -18.43 -15.74
N ALA E 61 -18.20 -19.66 -15.33
CA ALA E 61 -17.46 -20.59 -16.18
C ALA E 61 -18.09 -21.99 -16.20
N GLU E 62 -17.70 -22.78 -17.18
CA GLU E 62 -18.22 -24.15 -17.28
C GLU E 62 -18.05 -24.76 -15.91
N ASP E 63 -16.95 -24.43 -15.26
CA ASP E 63 -16.66 -24.89 -13.90
C ASP E 63 -15.40 -24.20 -13.40
N VAL E 64 -15.25 -24.15 -12.08
CA VAL E 64 -14.08 -23.56 -11.44
C VAL E 64 -13.77 -24.55 -10.33
N GLU E 65 -12.60 -25.18 -10.40
CA GLU E 65 -12.23 -26.18 -9.41
C GLU E 65 -10.74 -26.24 -9.11
N GLY E 66 -10.36 -27.23 -8.30
CA GLY E 66 -8.96 -27.41 -7.95
C GLY E 66 -8.32 -26.20 -7.28
N GLU E 67 -7.05 -25.99 -7.58
CA GLU E 67 -6.33 -24.86 -6.99
C GLU E 67 -6.99 -23.54 -7.31
N ALA E 68 -7.56 -23.42 -8.51
CA ALA E 68 -8.22 -22.18 -8.91
C ALA E 68 -9.30 -21.76 -7.91
N LEU E 69 -10.23 -22.65 -7.60
CA LEU E 69 -11.30 -22.30 -6.67
C LEU E 69 -10.74 -22.00 -5.27
N ALA E 70 -9.86 -22.87 -4.80
CA ALA E 70 -9.29 -22.69 -3.48
C ALA E 70 -8.50 -21.37 -3.38
N THR E 71 -7.67 -21.09 -4.38
CA THR E 71 -6.86 -19.88 -4.38
C THR E 71 -7.73 -18.62 -4.43
N LEU E 72 -8.81 -18.66 -5.21
CA LEU E 72 -9.71 -17.50 -5.29
C LEU E 72 -10.31 -17.26 -3.91
N VAL E 73 -10.73 -18.34 -3.26
CA VAL E 73 -11.32 -18.24 -1.93
C VAL E 73 -10.30 -17.61 -0.97
N VAL E 74 -9.10 -18.18 -0.93
CA VAL E 74 -8.04 -17.68 -0.07
C VAL E 74 -7.83 -16.16 -0.21
N ASN E 75 -7.61 -15.70 -1.43
CA ASN E 75 -7.37 -14.28 -1.59
C ASN E 75 -8.61 -13.41 -1.42
N THR E 76 -9.79 -14.03 -1.48
CA THR E 76 -11.00 -13.29 -1.24
C THR E 76 -11.04 -13.06 0.26
N MET E 77 -10.77 -14.13 1.02
CA MET E 77 -10.76 -14.05 2.47
C MET E 77 -9.72 -13.05 2.99
N ARG E 78 -8.60 -12.96 2.28
CA ARG E 78 -7.53 -12.04 2.67
C ARG E 78 -7.79 -10.61 2.25
N GLY E 79 -8.78 -10.41 1.38
CA GLY E 79 -9.10 -9.06 0.93
C GLY E 79 -8.27 -8.54 -0.24
N ILE E 80 -7.61 -9.43 -0.97
CA ILE E 80 -6.80 -9.02 -2.10
C ILE E 80 -7.66 -8.74 -3.33
N VAL E 81 -8.62 -9.62 -3.57
CA VAL E 81 -9.54 -9.50 -4.70
C VAL E 81 -10.88 -10.07 -4.30
N LYS E 82 -11.94 -9.27 -4.39
CA LYS E 82 -13.26 -9.74 -4.02
C LYS E 82 -13.92 -10.47 -5.20
N VAL E 83 -14.05 -11.80 -5.08
CA VAL E 83 -14.64 -12.58 -6.16
C VAL E 83 -15.70 -13.58 -5.70
N ALA E 84 -16.55 -13.97 -6.65
CA ALA E 84 -17.58 -14.97 -6.43
C ALA E 84 -17.58 -15.79 -7.72
N ALA E 85 -17.76 -17.11 -7.62
CA ALA E 85 -17.76 -17.95 -8.79
C ALA E 85 -19.00 -18.84 -8.86
N VAL E 86 -19.55 -19.00 -10.07
CA VAL E 86 -20.74 -19.82 -10.28
C VAL E 86 -20.61 -20.59 -11.61
N LYS E 87 -21.27 -21.74 -11.70
CA LYS E 87 -21.23 -22.51 -12.94
C LYS E 87 -22.12 -21.89 -13.99
N ALA E 88 -21.71 -21.94 -15.25
CA ALA E 88 -22.55 -21.40 -16.33
C ALA E 88 -23.76 -22.36 -16.44
N PRO E 89 -24.96 -21.82 -16.67
CA PRO E 89 -26.16 -22.66 -16.79
C PRO E 89 -26.22 -23.42 -18.11
N GLY E 90 -26.92 -24.56 -18.08
CA GLY E 90 -27.11 -25.34 -19.30
C GLY E 90 -26.13 -26.45 -19.62
N PHE E 91 -26.29 -27.00 -20.81
CA PHE E 91 -25.45 -28.08 -21.30
C PHE E 91 -25.02 -27.80 -22.74
N GLY E 92 -23.85 -28.31 -23.12
CA GLY E 92 -23.35 -28.14 -24.48
C GLY E 92 -23.58 -26.80 -25.17
N ASP E 93 -24.10 -26.86 -26.39
CA ASP E 93 -24.36 -25.66 -27.19
C ASP E 93 -25.27 -24.66 -26.50
N ARG E 94 -26.21 -25.15 -25.71
CA ARG E 94 -27.13 -24.28 -24.98
C ARG E 94 -26.36 -23.46 -23.96
N ARG E 95 -25.39 -24.09 -23.31
CA ARG E 95 -24.57 -23.39 -22.33
C ARG E 95 -23.82 -22.26 -23.03
N LYS E 96 -23.30 -22.53 -24.22
CA LYS E 96 -22.56 -21.54 -24.97
C LYS E 96 -23.46 -20.38 -25.39
N ALA E 97 -24.68 -20.69 -25.80
CA ALA E 97 -25.62 -19.65 -26.21
C ALA E 97 -26.07 -18.78 -25.05
N MET E 98 -26.37 -19.39 -23.91
CA MET E 98 -26.80 -18.64 -22.73
C MET E 98 -25.68 -17.76 -22.22
N LEU E 99 -24.47 -18.29 -22.19
CA LEU E 99 -23.32 -17.53 -21.76
C LEU E 99 -23.20 -16.30 -22.67
N GLN E 100 -23.46 -16.51 -23.96
CA GLN E 100 -23.38 -15.47 -24.97
C GLN E 100 -24.44 -14.38 -24.74
N ASP E 101 -25.61 -14.80 -24.28
CA ASP E 101 -26.70 -13.87 -23.99
C ASP E 101 -26.38 -13.02 -22.76
N ILE E 102 -25.70 -13.61 -21.78
CA ILE E 102 -25.34 -12.87 -20.57
C ILE E 102 -24.28 -11.84 -20.97
N ALA E 103 -23.37 -12.24 -21.85
CA ALA E 103 -22.31 -11.37 -22.33
C ALA E 103 -22.90 -10.12 -22.97
N THR E 104 -23.94 -10.30 -23.79
CA THR E 104 -24.58 -9.18 -24.46
C THR E 104 -25.26 -8.27 -23.44
N LEU E 105 -25.96 -8.87 -22.49
CA LEU E 105 -26.64 -8.13 -21.43
C LEU E 105 -25.67 -7.25 -20.62
N THR E 106 -24.46 -7.77 -20.39
CA THR E 106 -23.47 -7.07 -19.58
C THR E 106 -22.34 -6.42 -20.36
N GLY E 107 -22.42 -6.47 -21.70
CA GLY E 107 -21.38 -5.89 -22.52
C GLY E 107 -20.02 -6.56 -22.48
N GLY E 108 -19.97 -7.82 -22.06
CA GLY E 108 -18.70 -8.52 -22.00
C GLY E 108 -18.51 -9.46 -23.19
N THR E 109 -17.40 -10.18 -23.22
CA THR E 109 -17.15 -11.10 -24.32
C THR E 109 -16.76 -12.48 -23.79
N VAL E 110 -17.40 -13.51 -24.31
CA VAL E 110 -17.10 -14.86 -23.86
C VAL E 110 -15.70 -15.28 -24.29
N ILE E 111 -14.92 -15.78 -23.33
CA ILE E 111 -13.58 -16.25 -23.64
C ILE E 111 -13.76 -17.71 -24.05
N SER E 112 -13.62 -17.99 -25.35
CA SER E 112 -13.82 -19.35 -25.87
C SER E 112 -12.56 -19.99 -26.44
N GLU E 113 -12.13 -21.08 -25.80
CA GLU E 113 -10.95 -21.80 -26.27
C GLU E 113 -11.27 -22.33 -27.65
N GLU E 114 -12.48 -22.88 -27.78
CA GLU E 114 -12.95 -23.46 -29.03
C GLU E 114 -12.49 -22.67 -30.24
N ILE E 115 -12.67 -21.36 -30.21
CA ILE E 115 -12.28 -20.53 -31.33
C ILE E 115 -10.91 -19.88 -31.19
N GLY E 116 -10.05 -20.46 -30.37
CA GLY E 116 -8.71 -19.93 -30.20
C GLY E 116 -8.45 -18.90 -29.11
N MET E 117 -9.49 -18.46 -28.41
CA MET E 117 -9.29 -17.47 -27.36
C MET E 117 -8.57 -18.05 -26.15
N GLU E 118 -7.82 -17.21 -25.44
CA GLU E 118 -7.07 -17.64 -24.27
C GLU E 118 -7.34 -16.79 -23.04
N LEU E 119 -7.71 -17.44 -21.94
CA LEU E 119 -8.00 -16.76 -20.69
C LEU E 119 -6.83 -15.89 -20.23
N GLU E 120 -5.62 -16.35 -20.53
CA GLU E 120 -4.42 -15.63 -20.15
C GLU E 120 -4.28 -14.30 -20.88
N LYS E 121 -5.04 -14.12 -21.96
CA LYS E 121 -4.99 -12.88 -22.74
C LYS E 121 -6.18 -11.95 -22.52
N ALA E 122 -7.12 -12.36 -21.67
CA ALA E 122 -8.30 -11.53 -21.38
C ALA E 122 -7.91 -10.27 -20.64
N THR E 123 -8.62 -9.18 -20.92
CA THR E 123 -8.35 -7.88 -20.30
C THR E 123 -9.64 -7.29 -19.77
N LEU E 124 -9.56 -6.13 -19.10
CA LEU E 124 -10.74 -5.50 -18.55
C LEU E 124 -11.81 -5.19 -19.59
N GLU E 125 -11.40 -5.10 -20.86
CA GLU E 125 -12.36 -4.80 -21.92
C GLU E 125 -13.29 -5.99 -22.15
N ASP E 126 -12.78 -7.19 -21.92
CA ASP E 126 -13.54 -8.42 -22.11
C ASP E 126 -14.60 -8.66 -21.04
N LEU E 127 -14.45 -8.00 -19.90
CA LEU E 127 -15.37 -8.18 -18.79
C LEU E 127 -16.71 -7.49 -18.97
N GLY E 128 -17.76 -8.13 -18.47
CA GLY E 128 -19.08 -7.55 -18.54
C GLY E 128 -19.26 -6.70 -17.30
N GLN E 129 -20.31 -5.90 -17.25
CA GLN E 129 -20.56 -5.05 -16.10
C GLN E 129 -22.05 -4.95 -15.76
N ALA E 130 -22.32 -4.90 -14.46
CA ALA E 130 -23.68 -4.78 -13.95
C ALA E 130 -23.64 -3.93 -12.69
N LYS E 131 -24.79 -3.39 -12.30
CA LYS E 131 -24.88 -2.57 -11.11
C LYS E 131 -24.87 -3.43 -9.86
N ARG E 132 -25.42 -4.63 -9.96
CA ARG E 132 -25.48 -5.48 -8.79
C ARG E 132 -25.68 -6.97 -9.10
N VAL E 133 -25.05 -7.82 -8.30
CA VAL E 133 -25.19 -9.25 -8.47
C VAL E 133 -25.50 -9.86 -7.12
N VAL E 134 -26.48 -10.75 -7.09
CA VAL E 134 -26.88 -11.40 -5.85
C VAL E 134 -26.90 -12.92 -6.05
N ILE E 135 -26.12 -13.62 -5.23
CA ILE E 135 -26.01 -15.06 -5.31
C ILE E 135 -26.33 -15.74 -3.99
N ASN E 136 -27.06 -16.84 -4.04
CA ASN E 136 -27.35 -17.61 -2.84
C ASN E 136 -26.94 -19.03 -3.18
N LYS E 137 -27.33 -19.99 -2.35
CA LYS E 137 -26.96 -21.37 -2.60
C LYS E 137 -27.48 -21.96 -3.91
N ASP E 138 -28.64 -21.49 -4.38
CA ASP E 138 -29.23 -22.04 -5.61
C ASP E 138 -29.31 -21.17 -6.86
N THR E 139 -29.36 -19.85 -6.68
CA THR E 139 -29.45 -18.99 -7.85
C THR E 139 -28.45 -17.85 -7.91
N THR E 140 -28.41 -17.21 -9.07
CA THR E 140 -27.53 -16.09 -9.33
C THR E 140 -28.37 -15.02 -10.00
N THR E 141 -28.29 -13.78 -9.53
CA THR E 141 -29.08 -12.72 -10.15
C THR E 141 -28.19 -11.56 -10.61
N ILE E 142 -28.35 -11.18 -11.88
CA ILE E 142 -27.57 -10.08 -12.43
C ILE E 142 -28.54 -8.93 -12.67
N ILE E 143 -28.28 -7.80 -12.03
CA ILE E 143 -29.17 -6.65 -12.14
C ILE E 143 -28.52 -5.44 -12.77
N ASP E 144 -29.18 -4.90 -13.80
CA ASP E 144 -28.71 -3.71 -14.50
C ASP E 144 -27.42 -3.88 -15.28
N GLY E 145 -27.42 -4.84 -16.22
CA GLY E 145 -26.25 -5.07 -17.03
C GLY E 145 -26.11 -3.93 -18.02
N VAL E 146 -24.88 -3.45 -18.21
CA VAL E 146 -24.65 -2.36 -19.14
C VAL E 146 -25.07 -2.70 -20.57
N SER F 1 6.02 -24.75 -3.20
CA SER F 1 4.79 -24.06 -3.70
C SER F 1 4.41 -22.86 -2.83
N TRP F 2 3.31 -22.23 -3.20
CA TRP F 2 2.79 -21.06 -2.50
C TRP F 2 3.73 -19.88 -2.40
N MET F 3 3.37 -18.81 -3.09
CA MET F 3 4.15 -17.59 -3.11
C MET F 3 3.17 -16.43 -3.25
N THR F 4 3.68 -15.21 -3.21
CA THR F 4 2.83 -14.03 -3.33
C THR F 4 3.34 -13.16 -4.46
N THR F 5 2.41 -12.54 -5.18
CA THR F 5 2.75 -11.68 -6.29
C THR F 5 2.97 -10.27 -5.75
N PRO F 6 3.59 -9.39 -6.56
CA PRO F 6 3.86 -8.01 -6.15
C PRO F 6 2.61 -7.27 -5.67
N TRP F 7 1.44 -7.68 -6.17
CA TRP F 7 0.21 -7.02 -5.77
C TRP F 7 -0.52 -7.68 -4.59
N GLY F 8 0.11 -8.70 -3.99
CA GLY F 8 -0.47 -9.35 -2.82
C GLY F 8 -1.26 -10.63 -2.97
N PHE F 9 -1.19 -11.25 -4.14
CA PHE F 9 -1.94 -12.48 -4.40
C PHE F 9 -1.19 -13.76 -4.04
N LEU F 10 -1.70 -14.48 -3.04
CA LEU F 10 -1.10 -15.73 -2.58
C LEU F 10 -1.61 -16.91 -3.41
N HIS F 11 -0.70 -17.72 -3.94
CA HIS F 11 -1.12 -18.86 -4.76
C HIS F 11 -0.05 -19.94 -4.84
N PRO F 12 -0.46 -21.20 -5.10
CA PRO F 12 0.47 -22.33 -5.20
C PRO F 12 1.50 -22.13 -6.31
N GLU G 1 36.66 16.57 -5.85
CA GLU G 1 37.07 15.24 -5.29
C GLU G 1 36.68 15.09 -3.82
N GLY G 2 37.37 15.82 -2.95
CA GLY G 2 37.07 15.77 -1.53
C GLY G 2 37.00 17.18 -0.98
N MET G 3 36.46 17.34 0.23
CA MET G 3 36.35 18.66 0.82
C MET G 3 36.66 18.67 2.31
N GLN G 4 37.05 19.83 2.82
CA GLN G 4 37.37 19.99 4.23
C GLN G 4 37.05 21.40 4.71
N PHE G 5 36.34 21.52 5.82
CA PHE G 5 35.99 22.83 6.38
C PHE G 5 36.13 22.88 7.91
N ASP G 6 36.23 24.09 8.46
CA ASP G 6 36.43 24.28 9.89
C ASP G 6 35.21 24.19 10.82
N ARG G 7 34.54 23.04 10.79
CA ARG G 7 33.39 22.79 11.63
C ARG G 7 33.63 21.42 12.26
N GLY G 8 33.61 21.36 13.60
CA GLY G 8 33.83 20.12 14.31
C GLY G 8 32.53 19.45 14.71
N TYR G 9 32.61 18.39 15.51
CA TYR G 9 31.40 17.68 15.92
C TYR G 9 30.53 18.51 16.86
N LEU G 10 29.22 18.36 16.74
CA LEU G 10 28.31 19.11 17.57
C LEU G 10 28.22 18.52 18.96
N SER G 11 28.73 17.30 19.11
CA SER G 11 28.77 16.63 20.39
C SER G 11 29.89 15.61 20.44
N PRO G 12 30.68 15.60 21.52
CA PRO G 12 31.80 14.65 21.66
C PRO G 12 31.32 13.21 21.71
N TYR G 13 30.02 13.03 21.99
CA TYR G 13 29.47 11.69 22.06
C TYR G 13 29.32 11.03 20.69
N PHE G 14 29.63 11.75 19.62
CA PHE G 14 29.58 11.16 18.28
C PHE G 14 30.89 10.43 18.01
N ILE G 15 31.91 10.73 18.83
CA ILE G 15 33.22 10.09 18.70
C ILE G 15 33.11 8.57 18.76
N ASN G 16 33.73 7.88 17.81
CA ASN G 16 33.71 6.43 17.78
C ASN G 16 35.14 5.88 17.71
N LYS G 17 36.10 6.76 17.96
CA LYS G 17 37.53 6.44 17.98
C LYS G 17 38.06 7.18 19.20
N PRO G 18 37.76 6.67 20.41
CA PRO G 18 38.17 7.26 21.69
C PRO G 18 39.65 7.61 21.75
N GLU G 19 40.46 6.68 21.25
CA GLU G 19 41.91 6.83 21.23
C GLU G 19 42.35 8.17 20.67
N THR G 20 41.82 8.50 19.49
CA THR G 20 42.18 9.74 18.82
C THR G 20 41.18 10.88 19.03
N GLY G 21 40.03 10.57 19.64
CA GLY G 21 39.02 11.58 19.86
C GLY G 21 38.40 12.03 18.55
N ALA G 22 38.12 11.08 17.65
CA ALA G 22 37.55 11.42 16.36
C ALA G 22 36.34 10.60 15.94
N VAL G 23 35.65 11.09 14.93
CA VAL G 23 34.50 10.42 14.38
C VAL G 23 34.92 9.89 13.02
N GLU G 24 34.67 8.62 12.77
CA GLU G 24 35.00 8.03 11.47
C GLU G 24 33.78 7.29 10.96
N LEU G 25 33.32 7.67 9.78
CA LEU G 25 32.14 7.04 9.19
C LEU G 25 32.49 6.47 7.83
N GLU G 26 32.13 5.20 7.62
CA GLU G 26 32.40 4.49 6.37
C GLU G 26 31.17 4.43 5.47
N SER G 27 31.33 4.79 4.20
CA SER G 27 30.23 4.79 3.24
C SER G 27 28.98 5.43 3.81
N PRO G 28 29.09 6.66 4.32
CA PRO G 28 27.91 7.30 4.87
C PRO G 28 27.04 8.06 3.88
N PHE G 29 25.80 8.31 4.30
CA PHE G 29 24.85 9.11 3.54
C PHE G 29 25.06 10.50 4.14
N ILE G 30 24.74 11.54 3.39
CA ILE G 30 24.94 12.87 3.90
C ILE G 30 23.70 13.75 3.76
N LEU G 31 23.22 14.26 4.89
CA LEU G 31 22.03 15.10 4.88
C LEU G 31 22.44 16.56 4.96
N LEU G 32 21.95 17.34 3.99
CA LEU G 32 22.23 18.77 3.89
C LEU G 32 20.94 19.54 4.14
N ALA G 33 20.90 20.36 5.19
CA ALA G 33 19.72 21.12 5.53
C ALA G 33 20.03 22.57 5.88
N ASP G 34 19.19 23.51 5.43
CA ASP G 34 19.42 24.93 5.71
C ASP G 34 18.67 25.42 6.95
N LYS G 35 18.38 24.53 7.88
CA LYS G 35 17.64 24.92 9.08
C LYS G 35 18.23 24.36 10.35
N LYS G 36 17.71 24.85 11.47
CA LYS G 36 18.14 24.37 12.76
C LYS G 36 17.20 23.22 13.10
N ILE G 37 17.75 22.10 13.55
CA ILE G 37 16.92 20.95 13.90
C ILE G 37 16.78 20.83 15.41
N SER G 38 15.57 21.00 15.92
CA SER G 38 15.37 20.91 17.36
C SER G 38 14.40 19.80 17.74
N ASN G 39 13.49 19.47 16.82
CA ASN G 39 12.51 18.43 17.07
C ASN G 39 12.86 17.21 16.24
N ILE G 40 13.18 16.11 16.93
CA ILE G 40 13.56 14.89 16.28
C ILE G 40 12.48 14.26 15.39
N ARG G 41 11.22 14.64 15.60
CA ARG G 41 10.11 14.09 14.81
C ARG G 41 10.27 14.25 13.29
N GLU G 42 10.64 15.44 12.84
CA GLU G 42 10.81 15.67 11.41
C GLU G 42 11.98 14.91 10.79
N MET G 43 12.85 14.35 11.63
CA MET G 43 14.02 13.58 11.18
C MET G 43 13.73 12.08 11.12
N LEU G 44 12.64 11.65 11.76
CA LEU G 44 12.31 10.22 11.82
C LEU G 44 12.20 9.46 10.50
N PRO G 45 11.51 10.04 9.49
CA PRO G 45 11.40 9.29 8.23
C PRO G 45 12.76 9.01 7.61
N VAL G 46 13.63 10.02 7.57
CA VAL G 46 14.97 9.88 7.01
C VAL G 46 15.87 8.95 7.86
N LEU G 47 15.76 9.07 9.18
CA LEU G 47 16.56 8.22 10.07
C LEU G 47 16.22 6.75 9.91
N GLU G 48 14.93 6.45 9.77
CA GLU G 48 14.51 5.06 9.60
C GLU G 48 15.01 4.48 8.28
N ALA G 49 14.81 5.21 7.20
CA ALA G 49 15.28 4.73 5.90
C ALA G 49 16.79 4.51 5.92
N VAL G 50 17.53 5.42 6.55
CA VAL G 50 18.98 5.27 6.59
C VAL G 50 19.36 4.07 7.45
N ALA G 51 18.72 3.93 8.61
CA ALA G 51 18.98 2.80 9.49
C ALA G 51 18.72 1.51 8.70
N LYS G 52 17.56 1.43 8.05
CA LYS G 52 17.20 0.24 7.27
C LYS G 52 18.17 -0.07 6.12
N ALA G 53 18.77 0.97 5.53
CA ALA G 53 19.73 0.76 4.43
C ALA G 53 21.07 0.30 4.99
N GLY G 54 21.17 0.28 6.32
CA GLY G 54 22.39 -0.15 6.97
C GLY G 54 23.61 0.75 6.75
N LYS G 55 23.41 2.05 6.60
CA LYS G 55 24.54 2.97 6.39
C LYS G 55 24.53 4.09 7.43
N PRO G 56 25.72 4.63 7.76
CA PRO G 56 25.85 5.72 8.73
C PRO G 56 25.37 7.02 8.10
N LEU G 57 25.12 8.04 8.93
CA LEU G 57 24.65 9.32 8.43
C LEU G 57 25.37 10.56 8.99
N LEU G 58 25.78 11.43 8.09
CA LEU G 58 26.42 12.69 8.48
C LEU G 58 25.38 13.74 8.22
N ILE G 59 25.14 14.56 9.23
CA ILE G 59 24.16 15.63 9.13
C ILE G 59 24.86 16.99 9.12
N ILE G 60 24.62 17.77 8.07
CA ILE G 60 25.17 19.12 7.99
C ILE G 60 23.95 20.03 8.03
N ALA G 61 23.86 20.89 9.05
CA ALA G 61 22.70 21.76 9.19
C ALA G 61 23.06 23.09 9.81
N GLU G 62 22.08 23.98 9.92
CA GLU G 62 22.32 25.28 10.53
C GLU G 62 22.78 24.99 11.97
N ASP G 63 22.14 24.01 12.58
CA ASP G 63 22.48 23.59 13.92
C ASP G 63 21.58 22.42 14.27
N VAL G 64 21.93 21.73 15.35
CA VAL G 64 21.17 20.59 15.84
C VAL G 64 21.31 20.72 17.35
N GLU G 65 20.20 20.68 18.07
CA GLU G 65 20.33 20.82 19.51
C GLU G 65 19.14 20.25 20.24
N GLY G 66 19.04 20.60 21.53
CA GLY G 66 17.94 20.14 22.35
C GLY G 66 17.79 18.65 22.42
N GLU G 67 16.56 18.19 22.32
CA GLU G 67 16.28 16.77 22.38
C GLU G 67 16.76 16.08 21.13
N ALA G 68 16.77 16.83 20.03
CA ALA G 68 17.20 16.29 18.74
C ALA G 68 18.63 15.80 18.85
N LEU G 69 19.49 16.60 19.47
CA LEU G 69 20.87 16.22 19.64
C LEU G 69 20.98 15.05 20.61
N ALA G 70 20.21 15.11 21.69
CA ALA G 70 20.21 14.08 22.70
C ALA G 70 19.75 12.71 22.17
N THR G 71 18.66 12.69 21.42
CA THR G 71 18.16 11.43 20.87
C THR G 71 19.12 10.82 19.84
N LEU G 72 19.84 11.67 19.12
CA LEU G 72 20.79 11.19 18.12
C LEU G 72 21.98 10.47 18.76
N VAL G 73 22.52 11.06 19.81
CA VAL G 73 23.64 10.48 20.52
C VAL G 73 23.22 9.22 21.28
N VAL G 74 22.05 9.29 21.92
CA VAL G 74 21.55 8.15 22.68
C VAL G 74 21.28 6.94 21.78
N ASN G 75 20.63 7.16 20.64
CA ASN G 75 20.34 6.05 19.76
C ASN G 75 21.56 5.56 18.97
N THR G 76 22.62 6.37 18.91
CA THR G 76 23.85 5.93 18.24
C THR G 76 24.55 5.02 19.26
N MET G 77 24.55 5.45 20.52
CA MET G 77 25.16 4.67 21.57
C MET G 77 24.44 3.32 21.67
N ARG G 78 23.11 3.34 21.49
CA ARG G 78 22.32 2.12 21.55
C ARG G 78 22.42 1.27 20.30
N GLY G 79 23.11 1.78 19.28
CA GLY G 79 23.28 1.01 18.05
C GLY G 79 22.06 0.87 17.14
N ILE G 80 21.08 1.75 17.30
CA ILE G 80 19.88 1.73 16.46
C ILE G 80 20.23 2.48 15.18
N VAL G 81 21.09 3.48 15.30
CA VAL G 81 21.56 4.27 14.16
C VAL G 81 23.03 4.60 14.42
N LYS G 82 23.66 5.26 13.46
CA LYS G 82 25.03 5.67 13.63
C LYS G 82 25.14 7.03 12.97
N VAL G 83 25.10 8.10 13.77
CA VAL G 83 25.19 9.41 13.15
C VAL G 83 26.15 10.39 13.78
N ALA G 84 26.43 11.46 13.04
CA ALA G 84 27.30 12.53 13.50
C ALA G 84 26.71 13.77 12.87
N ALA G 85 26.80 14.88 13.57
CA ALA G 85 26.27 16.13 13.06
C ALA G 85 27.27 17.26 13.23
N VAL G 86 27.32 18.15 12.25
CA VAL G 86 28.19 19.33 12.30
C VAL G 86 27.41 20.51 11.71
N LYS G 87 27.81 21.72 12.04
CA LYS G 87 27.15 22.90 11.48
C LYS G 87 27.69 23.12 10.06
N ALA G 88 26.91 23.79 9.23
CA ALA G 88 27.33 24.09 7.87
C ALA G 88 28.45 25.11 7.97
N PRO G 89 29.40 25.07 7.03
CA PRO G 89 30.54 26.01 7.01
C PRO G 89 30.16 27.44 6.64
N GLY G 90 30.98 28.40 7.08
CA GLY G 90 30.74 29.80 6.79
C GLY G 90 29.51 30.41 7.44
N PHE G 91 29.11 31.57 6.92
CA PHE G 91 27.93 32.29 7.42
C PHE G 91 27.21 32.95 6.23
N GLY G 92 25.97 33.37 6.45
CA GLY G 92 25.20 34.03 5.40
C GLY G 92 25.20 33.36 4.03
N ASP G 93 25.30 34.16 2.98
CA ASP G 93 25.30 33.66 1.61
C ASP G 93 26.46 32.72 1.31
N ARG G 94 27.60 32.94 1.96
CA ARG G 94 28.74 32.07 1.77
C ARG G 94 28.34 30.68 2.26
N ARG G 95 27.61 30.63 3.36
CA ARG G 95 27.20 29.34 3.90
C ARG G 95 26.31 28.63 2.87
N LYS G 96 25.33 29.34 2.32
CA LYS G 96 24.44 28.72 1.33
C LYS G 96 25.21 28.23 0.09
N ALA G 97 26.19 29.00 -0.37
CA ALA G 97 26.96 28.60 -1.54
C ALA G 97 27.81 27.37 -1.25
N MET G 98 28.37 27.29 -0.04
CA MET G 98 29.22 26.15 0.32
C MET G 98 28.41 24.88 0.52
N LEU G 99 27.21 25.02 1.09
CA LEU G 99 26.34 23.87 1.32
C LEU G 99 25.96 23.26 -0.04
N GLN G 100 25.65 24.12 -1.01
CA GLN G 100 25.31 23.64 -2.34
C GLN G 100 26.54 22.97 -2.97
N ASP G 101 27.73 23.49 -2.68
CA ASP G 101 28.97 22.90 -3.20
C ASP G 101 29.13 21.49 -2.67
N ILE G 102 28.87 21.30 -1.37
CA ILE G 102 29.00 19.98 -0.80
C ILE G 102 27.96 19.09 -1.45
N ALA G 103 26.79 19.65 -1.73
CA ALA G 103 25.70 18.91 -2.38
C ALA G 103 26.14 18.38 -3.76
N THR G 104 26.77 19.25 -4.54
CA THR G 104 27.22 18.87 -5.86
C THR G 104 28.32 17.81 -5.78
N LEU G 105 29.27 18.00 -4.87
CA LEU G 105 30.36 17.06 -4.67
C LEU G 105 29.93 15.67 -4.20
N THR G 106 28.84 15.59 -3.45
CA THR G 106 28.39 14.30 -2.92
C THR G 106 27.17 13.75 -3.62
N GLY G 107 26.68 14.47 -4.62
CA GLY G 107 25.50 14.01 -5.34
C GLY G 107 24.24 14.19 -4.51
N GLY G 108 24.28 15.06 -3.51
CA GLY G 108 23.12 15.27 -2.68
C GLY G 108 22.28 16.46 -3.14
N THR G 109 21.20 16.70 -2.39
CA THR G 109 20.28 17.79 -2.65
C THR G 109 20.00 18.48 -1.33
N VAL G 110 20.14 19.80 -1.32
CA VAL G 110 19.91 20.58 -0.12
C VAL G 110 18.42 20.62 0.20
N ILE G 111 18.07 20.30 1.44
CA ILE G 111 16.67 20.38 1.84
C ILE G 111 16.57 21.81 2.35
N SER G 112 16.10 22.71 1.48
CA SER G 112 15.98 24.12 1.79
C SER G 112 14.59 24.60 2.20
N GLU G 113 14.48 24.96 3.46
CA GLU G 113 13.23 25.46 4.03
C GLU G 113 12.89 26.79 3.36
N GLU G 114 13.94 27.54 2.99
CA GLU G 114 13.77 28.84 2.34
C GLU G 114 12.89 28.74 1.08
N ILE G 115 12.91 27.60 0.39
CA ILE G 115 12.10 27.47 -0.81
C ILE G 115 10.90 26.54 -0.64
N GLY G 116 10.59 26.21 0.61
CA GLY G 116 9.43 25.37 0.89
C GLY G 116 9.59 23.87 1.02
N MET G 117 10.81 23.39 1.17
CA MET G 117 11.01 21.94 1.30
C MET G 117 10.90 21.50 2.75
N GLU G 118 10.39 20.28 2.95
CA GLU G 118 10.22 19.72 4.28
C GLU G 118 11.13 18.52 4.52
N LEU G 119 11.76 18.50 5.68
CA LEU G 119 12.66 17.41 6.06
C LEU G 119 11.94 16.06 6.14
N GLU G 120 10.70 16.07 6.62
CA GLU G 120 9.92 14.83 6.77
C GLU G 120 9.74 14.14 5.43
N LYS G 121 9.71 14.92 4.34
CA LYS G 121 9.51 14.32 3.03
C LYS G 121 10.81 13.94 2.33
N ALA G 122 11.94 14.20 2.96
CA ALA G 122 13.24 13.87 2.38
C ALA G 122 13.38 12.36 2.22
N THR G 123 13.94 11.92 1.09
CA THR G 123 14.13 10.51 0.81
C THR G 123 15.61 10.20 0.66
N LEU G 124 15.95 8.93 0.49
CA LEU G 124 17.37 8.54 0.34
C LEU G 124 17.99 9.17 -0.89
N GLU G 125 17.18 9.43 -1.91
CA GLU G 125 17.66 10.04 -3.15
C GLU G 125 18.22 11.44 -2.95
N ASP G 126 17.73 12.13 -1.92
CA ASP G 126 18.20 13.49 -1.65
C ASP G 126 19.51 13.52 -0.87
N LEU G 127 19.90 12.38 -0.32
CA LEU G 127 21.12 12.32 0.46
C LEU G 127 22.38 12.20 -0.39
N GLY G 128 23.46 12.82 0.08
CA GLY G 128 24.73 12.75 -0.62
C GLY G 128 25.46 11.48 -0.22
N GLN G 129 26.57 11.20 -0.88
CA GLN G 129 27.35 10.01 -0.54
C GLN G 129 28.83 10.26 -0.71
N ALA G 130 29.62 9.57 0.10
CA ALA G 130 31.06 9.70 0.05
C ALA G 130 31.68 8.39 0.55
N LYS G 131 32.93 8.16 0.20
CA LYS G 131 33.63 6.95 0.62
C LYS G 131 33.87 7.00 2.12
N ARG G 132 34.19 8.17 2.64
CA ARG G 132 34.46 8.27 4.07
C ARG G 132 34.38 9.70 4.58
N VAL G 133 34.08 9.82 5.87
CA VAL G 133 33.98 11.12 6.53
C VAL G 133 34.76 11.06 7.85
N VAL G 134 35.60 12.05 8.08
CA VAL G 134 36.38 12.11 9.32
C VAL G 134 36.09 13.45 10.01
N ILE G 135 35.75 13.39 11.28
CA ILE G 135 35.43 14.60 12.03
C ILE G 135 36.11 14.64 13.38
N ASN G 136 36.67 15.79 13.74
CA ASN G 136 37.29 15.93 15.05
C ASN G 136 36.69 17.16 15.71
N LYS G 137 37.36 17.65 16.74
CA LYS G 137 36.87 18.81 17.46
C LYS G 137 36.78 20.11 16.63
N ASP G 138 37.65 20.27 15.62
CA ASP G 138 37.63 21.50 14.83
C ASP G 138 37.31 21.37 13.35
N THR G 139 37.57 20.20 12.76
CA THR G 139 37.33 20.05 11.33
C THR G 139 36.52 18.84 10.91
N THR G 140 35.98 18.94 9.70
CA THR G 140 35.19 17.89 9.08
C THR G 140 35.85 17.66 7.72
N THR G 141 36.05 16.40 7.36
CA THR G 141 36.65 16.09 6.07
C THR G 141 35.80 15.07 5.34
N ILE G 142 35.47 15.38 4.09
CA ILE G 142 34.67 14.48 3.28
C ILE G 142 35.58 13.88 2.22
N ILE G 143 35.69 12.55 2.21
CA ILE G 143 36.56 11.85 1.26
C ILE G 143 35.85 11.09 0.15
N ASP G 144 36.18 11.46 -1.09
CA ASP G 144 35.64 10.85 -2.31
C ASP G 144 34.12 10.88 -2.45
N GLY G 145 33.58 12.08 -2.63
CA GLY G 145 32.14 12.20 -2.80
C GLY G 145 31.74 11.70 -4.17
N VAL G 146 30.60 11.03 -4.24
CA VAL G 146 30.08 10.51 -5.49
C VAL G 146 30.14 11.57 -6.60
N TRP H 2 9.30 8.99 27.42
CA TRP H 2 9.97 8.52 26.17
C TRP H 2 9.33 7.25 25.61
N MET H 3 9.24 7.20 24.28
CA MET H 3 8.67 6.04 23.61
C MET H 3 9.69 5.49 22.63
N THR H 4 9.43 4.28 22.13
CA THR H 4 10.33 3.63 21.18
C THR H 4 9.58 3.27 19.91
N THR H 5 10.07 3.76 18.77
CA THR H 5 9.45 3.47 17.49
C THR H 5 9.49 1.97 17.23
N PRO H 6 8.70 1.49 16.25
CA PRO H 6 8.68 0.05 15.94
C PRO H 6 10.07 -0.49 15.62
N TRP H 7 10.95 0.37 15.11
CA TRP H 7 12.31 -0.06 14.77
C TRP H 7 13.32 0.20 15.88
N GLY H 8 12.83 0.55 17.07
CA GLY H 8 13.71 0.75 18.21
C GLY H 8 14.35 2.10 18.49
N PHE H 9 13.81 3.18 17.91
CA PHE H 9 14.37 4.51 18.14
C PHE H 9 13.72 5.13 19.38
N LEU H 10 14.54 5.49 20.36
CA LEU H 10 14.06 6.08 21.61
C LEU H 10 13.94 7.59 21.47
N HIS H 11 12.78 8.14 21.84
CA HIS H 11 12.61 9.59 21.74
C HIS H 11 11.51 10.16 22.64
N PRO H 12 11.66 11.43 23.04
CA PRO H 12 10.71 12.15 23.90
C PRO H 12 9.34 12.31 23.25
#